data_9IJP
#
_entry.id   9IJP
#
_cell.length_a   1.00
_cell.length_b   1.00
_cell.length_c   1.00
_cell.angle_alpha   90.00
_cell.angle_beta   90.00
_cell.angle_gamma   90.00
#
_symmetry.space_group_name_H-M   'P 1'
#
loop_
_entity.id
_entity.type
_entity.pdbx_description
1 polymer Alpha-synuclein
2 non-polymer Tetraphosphate
#
_entity_poly.entity_id   1
_entity_poly.type   'polypeptide(L)'
_entity_poly.pdbx_seq_one_letter_code
;MDVFMKGLSKAKEGVVAAAEKTKQGVAEAAGKTKEGVLYVGSKTKEGVVHGVATVAEKTKEQVTNVGGAVVTGVTAVAQK
TVEGAGSIAAATGFVKKDQLGKNEEGAPQEGILEDMPVDPDNEAYEMPSEEGYQDYEPEA
;
_entity_poly.pdbx_strand_id   C,G,I,L,E,B
#
loop_
_chem_comp.id
_chem_comp.type
_chem_comp.name
_chem_comp.formula
7TT non-polymer Tetraphosphate 'H6 O13 P4'
#
# COMPACT_ATOMS: atom_id res chain seq x y z
N VAL A 37 -6.23 -36.17 -10.82
CA VAL A 37 -5.50 -34.91 -10.75
C VAL A 37 -4.16 -35.10 -11.44
N LEU A 38 -3.99 -34.49 -12.62
CA LEU A 38 -2.83 -34.86 -13.43
C LEU A 38 -1.90 -33.67 -13.66
N TYR A 39 -2.43 -32.52 -14.09
CA TYR A 39 -1.66 -31.28 -14.21
C TYR A 39 -0.49 -31.41 -15.18
N VAL A 40 -0.80 -31.58 -16.46
CA VAL A 40 0.23 -31.33 -17.47
C VAL A 40 0.60 -29.86 -17.42
N GLY A 41 1.69 -29.49 -18.09
CA GLY A 41 2.38 -28.25 -17.80
C GLY A 41 1.51 -27.01 -17.75
N SER A 42 1.29 -26.53 -16.53
CA SER A 42 0.29 -25.52 -16.26
C SER A 42 0.66 -24.74 -15.00
N LYS A 43 -0.27 -23.94 -14.50
CA LYS A 43 -0.04 -23.14 -13.30
C LYS A 43 1.25 -22.33 -13.41
N THR A 44 1.57 -21.91 -14.62
CA THR A 44 2.78 -21.13 -14.86
C THR A 44 2.50 -19.64 -14.70
N LYS A 45 3.57 -18.88 -14.47
CA LYS A 45 3.49 -17.43 -14.34
C LYS A 45 4.73 -16.86 -15.00
N GLU A 46 4.52 -15.94 -15.95
CA GLU A 46 5.63 -15.32 -16.67
C GLU A 46 5.38 -13.83 -16.77
N GLY A 47 6.28 -13.03 -16.23
CA GLY A 47 6.09 -11.59 -16.20
C GLY A 47 4.89 -11.23 -15.36
N VAL A 48 4.96 -11.47 -14.06
CA VAL A 48 3.83 -11.31 -13.16
C VAL A 48 4.26 -10.50 -11.95
N VAL A 49 3.40 -9.60 -11.50
CA VAL A 49 3.62 -8.81 -10.30
C VAL A 49 2.34 -8.82 -9.49
N HIS A 50 2.45 -9.13 -8.20
CA HIS A 50 1.28 -9.03 -7.35
C HIS A 50 1.69 -8.80 -5.91
N GLY A 51 0.74 -8.32 -5.11
CA GLY A 51 1.00 -8.03 -3.71
C GLY A 51 2.02 -6.94 -3.49
N VAL A 52 1.76 -5.74 -4.00
CA VAL A 52 2.68 -4.62 -3.90
C VAL A 52 1.97 -3.49 -3.18
N ALA A 53 2.67 -2.89 -2.21
CA ALA A 53 2.16 -1.74 -1.47
C ALA A 53 3.24 -0.67 -1.45
N THR A 54 2.85 0.58 -1.61
CA THR A 54 3.83 1.64 -1.82
C THR A 54 3.26 2.97 -1.34
N VAL A 55 4.07 3.72 -0.61
CA VAL A 55 3.75 5.08 -0.21
C VAL A 55 4.87 5.99 -0.67
N ALA A 56 4.51 7.18 -1.14
CA ALA A 56 5.52 8.12 -1.63
C ALA A 56 5.10 9.52 -1.23
N GLU A 57 5.57 9.98 -0.08
CA GLU A 57 5.36 11.35 0.37
C GLU A 57 6.53 12.20 -0.12
N LYS A 58 6.24 13.19 -0.95
CA LYS A 58 7.28 14.06 -1.49
C LYS A 58 6.77 15.48 -1.51
N THR A 59 7.50 16.40 -0.88
CA THR A 59 7.05 17.77 -0.80
C THR A 59 7.16 18.49 -2.14
N LYS A 60 8.38 18.64 -2.65
CA LYS A 60 8.61 19.29 -3.92
C LYS A 60 9.29 18.32 -4.86
N GLU A 61 8.96 18.42 -6.14
CA GLU A 61 9.49 17.50 -7.14
C GLU A 61 9.54 18.22 -8.48
N GLN A 62 10.74 18.38 -9.02
CA GLN A 62 10.94 19.09 -10.27
C GLN A 62 11.68 18.21 -11.25
N VAL A 63 11.35 18.36 -12.53
CA VAL A 63 12.05 17.70 -13.62
C VAL A 63 12.23 18.72 -14.72
N THR A 64 13.49 18.99 -15.09
CA THR A 64 13.81 19.95 -16.13
C THR A 64 14.58 19.23 -17.22
N ASN A 65 14.11 19.35 -18.45
CA ASN A 65 14.67 18.62 -19.57
C ASN A 65 14.89 19.56 -20.74
N VAL A 66 16.09 19.53 -21.29
CA VAL A 66 16.42 20.28 -22.50
C VAL A 66 17.03 19.26 -23.47
N GLY A 67 16.18 18.66 -24.31
CA GLY A 67 16.63 17.58 -25.15
C GLY A 67 16.91 16.33 -24.35
N GLY A 68 16.89 15.17 -25.00
CA GLY A 68 17.17 13.95 -24.27
C GLY A 68 15.93 13.28 -23.73
N ALA A 69 16.05 12.59 -22.61
CA ALA A 69 14.93 11.81 -22.10
C ALA A 69 15.02 11.70 -20.60
N VAL A 70 13.85 11.65 -19.95
CA VAL A 70 13.76 11.45 -18.51
C VAL A 70 12.61 10.49 -18.26
N VAL A 71 12.85 9.47 -17.44
CA VAL A 71 11.83 8.52 -17.04
C VAL A 71 11.90 8.36 -15.53
N THR A 72 10.85 8.79 -14.83
CA THR A 72 10.86 8.75 -13.38
C THR A 72 9.57 8.14 -12.87
N GLY A 73 9.68 7.13 -12.03
CA GLY A 73 8.53 6.64 -11.30
C GLY A 73 7.74 5.54 -11.97
N VAL A 74 8.41 4.45 -12.35
CA VAL A 74 7.76 3.28 -12.91
C VAL A 74 7.64 2.25 -11.80
N THR A 75 6.42 1.79 -11.54
CA THR A 75 6.20 0.85 -10.45
C THR A 75 5.09 -0.12 -10.80
N ALA A 76 5.28 -1.39 -10.42
CA ALA A 76 4.30 -2.44 -10.65
C ALA A 76 3.96 -2.56 -12.14
N VAL A 77 4.96 -2.95 -12.92
CA VAL A 77 4.83 -3.10 -14.35
C VAL A 77 5.27 -4.50 -14.74
N ALA A 78 4.45 -5.20 -15.51
CA ALA A 78 4.74 -6.55 -15.96
C ALA A 78 4.53 -6.64 -17.46
N GLN A 79 5.40 -7.38 -18.14
CA GLN A 79 5.33 -7.46 -19.58
C GLN A 79 5.93 -8.78 -20.05
N LYS A 80 5.36 -9.34 -21.11
CA LYS A 80 5.92 -10.52 -21.75
C LYS A 80 5.94 -10.31 -23.26
N THR A 81 7.13 -10.43 -23.85
CA THR A 81 7.31 -10.26 -25.29
C THR A 81 7.75 -11.56 -25.90
N VAL A 82 7.25 -11.86 -27.09
CA VAL A 82 7.66 -13.03 -27.86
C VAL A 82 8.16 -12.56 -29.22
N GLU A 83 9.36 -13.01 -29.58
CA GLU A 83 9.97 -12.66 -30.87
C GLU A 83 10.05 -11.15 -31.05
N GLY A 84 10.49 -10.44 -30.02
CA GLY A 84 10.66 -9.01 -30.11
C GLY A 84 11.47 -8.50 -28.94
N ALA A 85 11.91 -7.26 -29.05
CA ALA A 85 12.75 -6.63 -28.04
C ALA A 85 11.88 -5.99 -26.97
N GLY A 86 12.18 -6.28 -25.71
CA GLY A 86 11.44 -5.74 -24.58
C GLY A 86 12.24 -4.64 -23.88
N SER A 87 11.52 -3.62 -23.44
CA SER A 87 12.11 -2.50 -22.73
C SER A 87 11.06 -1.95 -21.79
N ILE A 88 11.44 -1.72 -20.53
CA ILE A 88 10.46 -1.25 -19.56
C ILE A 88 10.62 0.24 -19.35
N ALA A 89 11.78 0.68 -18.86
CA ALA A 89 12.06 2.09 -18.66
C ALA A 89 13.37 2.40 -19.37
N ALA A 90 13.28 2.74 -20.64
CA ALA A 90 14.45 2.98 -21.48
C ALA A 90 14.44 4.44 -21.90
N ALA A 91 15.57 5.12 -21.71
CA ALA A 91 15.73 6.51 -22.09
C ALA A 91 16.94 6.65 -22.99
N THR A 92 16.77 7.37 -24.11
CA THR A 92 17.85 7.62 -25.03
C THR A 92 17.88 9.09 -25.40
N GLY A 93 19.07 9.67 -25.39
CA GLY A 93 19.22 11.08 -25.70
C GLY A 93 18.77 11.43 -27.10
N PHE A 94 19.27 10.72 -28.10
CA PHE A 94 18.77 10.82 -29.46
C PHE A 94 19.43 9.75 -30.31
N VAL A 95 18.66 9.19 -31.24
CA VAL A 95 19.12 8.10 -32.10
C VAL A 95 19.26 8.65 -33.51
N LYS A 96 20.50 8.81 -33.97
CA LYS A 96 20.80 9.27 -35.31
C LYS A 96 21.31 8.08 -36.12
N LYS A 97 20.72 7.88 -37.31
CA LYS A 97 21.18 6.86 -38.24
C LYS A 97 21.26 7.50 -39.62
N ASP A 98 22.45 7.95 -40.00
CA ASP A 98 22.68 8.61 -41.27
C ASP A 98 22.95 7.58 -42.36
N GLN A 99 23.20 8.08 -43.57
CA GLN A 99 23.55 7.22 -44.70
C GLN A 99 24.24 8.03 -45.79
N VAL B 37 -2.21 -37.58 -8.45
CA VAL B 37 -1.48 -36.32 -8.39
C VAL B 37 -0.14 -36.53 -9.09
N LEU B 38 0.03 -35.93 -10.27
CA LEU B 38 1.18 -36.30 -11.08
C LEU B 38 2.12 -35.13 -11.33
N TYR B 39 1.59 -33.99 -11.76
CA TYR B 39 2.36 -32.76 -11.91
C TYR B 39 3.54 -32.89 -12.88
N VAL B 40 3.22 -33.08 -14.16
CA VAL B 40 4.25 -32.84 -15.17
C VAL B 40 4.62 -31.36 -15.14
N GLY B 41 5.72 -31.02 -15.81
CA GLY B 41 6.41 -29.78 -15.55
C GLY B 41 5.55 -28.54 -15.50
N SER B 42 5.33 -28.05 -14.28
CA SER B 42 4.34 -27.02 -14.02
C SER B 42 4.71 -26.22 -12.78
N LYS B 43 3.79 -25.42 -12.28
CA LYS B 43 4.02 -24.60 -11.09
C LYS B 43 5.32 -23.81 -11.21
N THR B 44 5.64 -23.39 -12.43
CA THR B 44 6.85 -22.63 -12.68
C THR B 44 6.58 -21.14 -12.53
N LYS B 45 7.65 -20.37 -12.33
CA LYS B 45 7.58 -18.92 -12.21
C LYS B 45 8.81 -18.37 -12.89
N GLU B 46 8.62 -17.46 -13.84
CA GLU B 46 9.73 -16.85 -14.57
C GLU B 46 9.47 -15.35 -14.68
N GLY B 47 10.39 -14.56 -14.16
CA GLY B 47 10.20 -13.13 -14.14
C GLY B 47 9.00 -12.74 -13.31
N VAL B 48 9.08 -12.96 -12.00
CA VAL B 48 7.94 -12.79 -11.10
C VAL B 48 8.39 -11.97 -9.90
N VAL B 49 7.53 -11.06 -9.46
CA VAL B 49 7.76 -10.25 -8.27
C VAL B 49 6.49 -10.26 -7.45
N HIS B 50 6.59 -10.55 -6.16
CA HIS B 50 5.42 -10.45 -5.31
C HIS B 50 5.85 -10.18 -3.87
N GLY B 51 4.90 -9.69 -3.08
CA GLY B 51 5.16 -9.39 -1.68
C GLY B 51 6.19 -8.30 -1.48
N VAL B 52 5.93 -7.11 -2.00
CA VAL B 52 6.86 -5.99 -1.92
C VAL B 52 6.16 -4.84 -1.21
N ALA B 53 6.86 -4.24 -0.25
CA ALA B 53 6.36 -3.07 0.49
C ALA B 53 7.44 -2.01 0.50
N THR B 54 7.05 -0.76 0.31
CA THR B 54 8.03 0.29 0.08
C THR B 54 7.48 1.62 0.55
N VAL B 55 8.29 2.39 1.27
CA VAL B 55 7.98 3.74 1.66
C VAL B 55 9.10 4.64 1.19
N ALA B 56 8.75 5.84 0.69
CA ALA B 56 9.76 6.76 0.19
C ALA B 56 9.35 8.17 0.57
N GLU B 57 9.82 8.64 1.72
CA GLU B 57 9.61 10.02 2.15
C GLU B 57 10.78 10.86 1.66
N LYS B 58 10.51 11.84 0.81
CA LYS B 58 11.54 12.69 0.26
C LYS B 58 11.04 14.12 0.23
N THR B 59 11.79 15.03 0.84
CA THR B 59 11.33 16.42 0.91
C THR B 59 11.44 17.11 -0.44
N LYS B 60 12.67 17.25 -0.95
CA LYS B 60 12.88 17.89 -2.23
C LYS B 60 13.58 16.91 -3.16
N GLU B 61 13.23 16.99 -4.45
CA GLU B 61 13.75 16.06 -5.44
C GLU B 61 13.81 16.76 -6.78
N GLN B 62 15.01 16.91 -7.32
CA GLN B 62 15.20 17.61 -8.59
C GLN B 62 15.94 16.72 -9.56
N VAL B 63 15.60 16.84 -10.84
CA VAL B 63 16.29 16.17 -11.92
C VAL B 63 16.48 17.18 -13.04
N THR B 64 17.74 17.44 -13.41
CA THR B 64 18.05 18.39 -14.46
C THR B 64 18.83 17.66 -15.54
N ASN B 65 18.35 17.76 -16.77
CA ASN B 65 18.90 17.00 -17.88
C ASN B 65 19.12 17.94 -19.07
N VAL B 66 20.32 17.89 -19.63
CA VAL B 66 20.65 18.62 -20.85
C VAL B 66 21.24 17.60 -21.81
N GLY B 67 20.41 16.99 -22.64
CA GLY B 67 20.84 15.89 -23.47
C GLY B 67 21.12 14.65 -22.66
N GLY B 68 21.09 13.49 -23.28
CA GLY B 68 21.37 12.28 -22.54
C GLY B 68 20.13 11.62 -22.00
N ALA B 69 20.24 10.94 -20.86
CA ALA B 69 19.12 10.18 -20.35
C ALA B 69 19.22 10.08 -18.84
N VAL B 70 18.06 10.05 -18.19
CA VAL B 70 17.97 9.86 -16.75
C VAL B 70 16.82 8.91 -16.48
N VAL B 71 17.05 7.89 -15.66
CA VAL B 71 16.03 6.95 -15.24
C VAL B 71 16.11 6.82 -13.72
N THR B 72 15.05 7.25 -13.03
CA THR B 72 15.07 7.23 -11.58
C THR B 72 13.77 6.64 -11.07
N GLY B 73 13.88 5.63 -10.20
CA GLY B 73 12.74 5.15 -9.47
C GLY B 73 11.93 4.05 -10.13
N VAL B 74 12.59 2.97 -10.49
CA VAL B 74 11.94 1.78 -11.04
C VAL B 74 11.82 0.76 -9.92
N THR B 75 10.61 0.31 -9.64
CA THR B 75 10.39 -0.61 -8.54
C THR B 75 9.27 -1.58 -8.88
N ALA B 76 9.45 -2.84 -8.49
CA ALA B 76 8.46 -3.90 -8.70
C ALA B 76 8.12 -4.03 -10.18
N VAL B 77 9.12 -4.43 -10.96
CA VAL B 77 8.98 -4.60 -12.40
C VAL B 77 9.42 -6.01 -12.76
N ALA B 78 8.59 -6.70 -13.53
CA ALA B 78 8.88 -8.06 -13.96
C ALA B 78 8.66 -8.17 -15.46
N GLN B 79 9.52 -8.93 -16.14
CA GLN B 79 9.45 -9.02 -17.58
C GLN B 79 10.03 -10.35 -18.03
N LYS B 80 9.47 -10.92 -19.08
CA LYS B 80 10.02 -12.11 -19.71
C LYS B 80 10.04 -11.93 -21.22
N THR B 81 11.22 -12.05 -21.82
CA THR B 81 11.40 -11.90 -23.25
C THR B 81 11.83 -13.22 -23.85
N VAL B 82 11.32 -13.52 -25.04
CA VAL B 82 11.72 -14.70 -25.79
C VAL B 82 12.22 -14.25 -27.16
N GLU B 83 13.42 -14.70 -27.51
CA GLU B 83 14.03 -14.38 -28.80
C GLU B 83 14.12 -12.87 -29.02
N GLY B 84 14.56 -12.16 -27.99
CA GLY B 84 14.74 -10.72 -28.09
C GLY B 84 15.56 -10.20 -26.94
N ALA B 85 15.99 -8.96 -27.06
CA ALA B 85 16.85 -8.33 -26.06
C ALA B 85 15.97 -7.68 -25.00
N GLY B 86 16.28 -7.95 -23.73
CA GLY B 86 15.55 -7.39 -22.61
C GLY B 86 16.35 -6.30 -21.93
N SER B 87 15.64 -5.26 -21.49
CA SER B 87 16.24 -4.12 -20.80
C SER B 87 15.19 -3.56 -19.86
N ILE B 88 15.58 -3.32 -18.60
CA ILE B 88 14.60 -2.84 -17.64
C ILE B 88 14.77 -1.34 -17.45
N ALA B 89 15.93 -0.90 -16.97
CA ALA B 89 16.22 0.50 -16.78
C ALA B 89 17.53 0.81 -17.50
N ALA B 90 17.44 1.13 -18.78
CA ALA B 90 18.61 1.36 -19.61
C ALA B 90 18.60 2.82 -20.06
N ALA B 91 19.74 3.48 -19.88
CA ALA B 91 19.89 4.87 -20.27
C ALA B 91 21.11 5.00 -21.18
N THR B 92 20.94 5.70 -22.30
CA THR B 92 22.02 5.93 -23.24
C THR B 92 22.04 7.40 -23.62
N GLY B 93 23.24 7.98 -23.62
CA GLY B 93 23.40 9.38 -23.95
C GLY B 93 22.94 9.72 -25.35
N PHE B 94 23.44 9.00 -26.34
CA PHE B 94 22.94 9.09 -27.71
C PHE B 94 23.59 8.00 -28.55
N VAL B 95 22.82 7.43 -29.46
CA VAL B 95 23.27 6.33 -30.31
C VAL B 95 23.41 6.86 -31.73
N LYS B 96 24.65 7.01 -32.19
CA LYS B 96 24.94 7.45 -33.55
C LYS B 96 25.44 6.25 -34.35
N LYS B 97 24.85 6.04 -35.52
CA LYS B 97 25.30 5.01 -36.45
C LYS B 97 25.39 5.63 -37.84
N ASP B 98 26.57 6.07 -38.22
CA ASP B 98 26.80 6.72 -39.50
C ASP B 98 27.06 5.67 -40.57
N GLN B 99 27.31 6.15 -41.79
CA GLN B 99 27.65 5.29 -42.91
C GLN B 99 28.35 6.08 -44.01
N VAL C 37 -10.22 -34.78 -13.13
CA VAL C 37 -9.50 -33.52 -13.04
C VAL C 37 -8.15 -33.70 -13.72
N LEU C 38 -7.97 -33.07 -14.89
CA LEU C 38 -6.82 -33.42 -15.71
C LEU C 38 -5.89 -32.23 -15.93
N TYR C 39 -6.43 -31.08 -16.34
CA TYR C 39 -5.66 -29.82 -16.45
C TYR C 39 -4.48 -29.94 -17.41
N VAL C 40 -4.79 -30.11 -18.71
CA VAL C 40 -3.76 -29.84 -19.71
C VAL C 40 -3.40 -28.36 -19.64
N GLY C 41 -2.30 -27.99 -20.30
CA GLY C 41 -1.63 -26.74 -20.00
C GLY C 41 -2.50 -25.51 -19.93
N SER C 42 -2.73 -25.05 -18.70
CA SER C 42 -3.73 -24.04 -18.43
C SER C 42 -3.37 -23.27 -17.16
N LYS C 43 -4.31 -22.47 -16.66
CA LYS C 43 -4.08 -21.68 -15.45
C LYS C 43 -2.80 -20.88 -15.55
N THR C 44 -2.48 -20.43 -16.75
CA THR C 44 -1.27 -19.65 -16.97
C THR C 44 -1.56 -18.16 -16.80
N LYS C 45 -0.51 -17.39 -16.56
CA LYS C 45 -0.59 -15.95 -16.42
C LYS C 45 0.65 -15.36 -17.07
N GLU C 46 0.45 -14.44 -18.01
CA GLU C 46 1.54 -13.81 -18.72
C GLU C 46 1.28 -12.32 -18.80
N GLY C 47 2.20 -11.51 -18.25
CA GLY C 47 1.98 -10.08 -18.21
C GLY C 47 0.78 -9.73 -17.37
N VAL C 48 0.85 -9.98 -16.07
CA VAL C 48 -0.29 -9.84 -15.18
C VAL C 48 0.14 -9.04 -13.96
N VAL C 49 -0.73 -8.15 -13.50
CA VAL C 49 -0.51 -7.37 -12.29
C VAL C 49 -1.80 -7.40 -11.48
N HIS C 50 -1.70 -7.72 -10.20
CA HIS C 50 -2.87 -7.64 -9.35
C HIS C 50 -2.47 -7.42 -7.90
N GLY C 51 -3.41 -6.94 -7.11
CA GLY C 51 -3.17 -6.67 -5.71
C GLY C 51 -2.16 -5.58 -5.47
N VAL C 52 -2.42 -4.37 -5.97
CA VAL C 52 -1.50 -3.25 -5.86
C VAL C 52 -2.22 -2.12 -5.13
N ALA C 53 -1.53 -1.53 -4.14
CA ALA C 53 -2.05 -0.39 -3.39
C ALA C 53 -0.98 0.68 -3.36
N THR C 54 -1.38 1.93 -3.51
CA THR C 54 -0.41 2.99 -3.72
C THR C 54 -0.98 4.31 -3.22
N VAL C 55 -0.17 5.06 -2.48
CA VAL C 55 -0.51 6.42 -2.06
C VAL C 55 0.61 7.34 -2.52
N ALA C 56 0.25 8.53 -2.98
CA ALA C 56 1.25 9.48 -3.45
C ALA C 56 0.82 10.88 -3.04
N GLU C 57 1.29 11.33 -1.87
CA GLU C 57 1.06 12.70 -1.42
C GLU C 57 2.23 13.56 -1.89
N LYS C 58 1.93 14.55 -2.71
CA LYS C 58 2.98 15.43 -3.25
C LYS C 58 2.46 16.85 -3.25
N THR C 59 3.19 17.76 -2.61
CA THR C 59 2.71 19.13 -2.51
C THR C 59 2.84 19.87 -3.84
N LYS C 60 4.06 20.03 -4.34
CA LYS C 60 4.27 20.69 -5.61
C LYS C 60 4.98 19.74 -6.56
N GLU C 61 4.64 19.84 -7.83
CA GLU C 61 5.19 18.93 -8.84
C GLU C 61 5.24 19.67 -10.17
N GLN C 62 6.44 19.85 -10.72
CA GLN C 62 6.64 20.57 -11.95
C GLN C 62 7.38 19.70 -12.95
N VAL C 63 7.06 19.86 -14.22
CA VAL C 63 7.77 19.22 -15.31
C VAL C 63 7.95 20.25 -16.41
N THR C 64 9.20 20.53 -16.76
CA THR C 64 9.52 21.51 -17.79
C THR C 64 10.31 20.81 -18.88
N ASN C 65 9.83 20.93 -20.12
CA ASN C 65 10.41 20.21 -21.24
C ASN C 65 10.62 21.16 -22.40
N VAL C 66 11.83 21.15 -22.96
CA VAL C 66 12.16 21.90 -24.16
C VAL C 66 12.77 20.91 -25.13
N GLY C 67 11.94 20.32 -25.98
CA GLY C 67 12.39 19.24 -26.83
C GLY C 67 12.68 17.98 -26.05
N GLY C 68 12.67 16.83 -26.70
CA GLY C 68 12.95 15.61 -25.98
C GLY C 68 11.71 14.92 -25.46
N ALA C 69 11.83 14.22 -24.34
CA ALA C 69 10.72 13.44 -23.85
C ALA C 69 10.80 13.31 -22.35
N VAL C 70 9.63 13.25 -21.70
CA VAL C 70 9.53 13.03 -20.26
C VAL C 70 8.39 12.07 -20.02
N VAL C 71 8.63 11.03 -19.23
CA VAL C 71 7.61 10.07 -18.83
C VAL C 71 7.68 9.90 -17.33
N THR C 72 6.62 10.31 -16.62
CA THR C 72 6.63 10.26 -15.17
C THR C 72 5.34 9.64 -14.68
N GLY C 73 5.46 8.62 -13.83
CA GLY C 73 4.30 8.12 -13.13
C GLY C 73 3.52 7.02 -13.81
N VAL C 74 4.19 5.94 -14.20
CA VAL C 74 3.55 4.77 -14.77
C VAL C 74 3.44 3.72 -13.67
N THR C 75 2.23 3.25 -13.41
CA THR C 75 2.01 2.30 -12.34
C THR C 75 0.90 1.33 -12.70
N ALA C 76 1.10 0.06 -12.34
CA ALA C 76 0.12 -1.00 -12.58
C ALA C 76 -0.21 -1.09 -14.07
N VAL C 77 0.79 -1.47 -14.84
CA VAL C 77 0.67 -1.62 -16.28
C VAL C 77 1.13 -3.01 -16.68
N ALA C 78 0.31 -3.70 -17.47
CA ALA C 78 0.61 -5.05 -17.93
C ALA C 78 0.41 -5.12 -19.42
N GLN C 79 1.27 -5.86 -20.11
CA GLN C 79 1.21 -5.92 -21.56
C GLN C 79 1.82 -7.23 -22.03
N LYS C 80 1.26 -7.78 -23.11
CA LYS C 80 1.83 -8.95 -23.76
C LYS C 80 1.85 -8.74 -25.27
N THR C 81 3.04 -8.83 -25.85
CA THR C 81 3.23 -8.64 -27.28
C THR C 81 3.68 -9.94 -27.91
N VAL C 82 3.18 -10.23 -29.11
CA VAL C 82 3.59 -11.39 -29.88
C VAL C 82 4.10 -10.91 -31.22
N GLU C 83 5.30 -11.34 -31.59
CA GLU C 83 5.92 -10.98 -32.87
C GLU C 83 5.99 -9.47 -33.04
N GLY C 84 6.43 -8.78 -32.00
CA GLY C 84 6.59 -7.33 -32.07
C GLY C 84 7.40 -6.84 -30.89
N ALA C 85 7.82 -5.58 -30.99
CA ALA C 85 8.66 -4.97 -29.97
C ALA C 85 7.78 -4.34 -28.90
N GLY C 86 8.08 -4.64 -27.65
CA GLY C 86 7.33 -4.12 -26.51
C GLY C 86 8.12 -3.02 -25.81
N SER C 87 7.40 -2.00 -25.35
CA SER C 87 7.97 -0.89 -24.63
C SER C 87 6.93 -0.35 -23.68
N ILE C 88 7.30 -0.14 -22.42
CA ILE C 88 6.31 0.32 -21.45
C ILE C 88 6.46 1.81 -21.22
N ALA C 89 7.61 2.25 -20.73
CA ALA C 89 7.89 3.66 -20.51
C ALA C 89 9.20 3.99 -21.21
N ALA C 90 9.12 4.35 -22.48
CA ALA C 90 10.28 4.59 -23.31
C ALA C 90 10.27 6.06 -23.72
N ALA C 91 11.39 6.74 -23.52
CA ALA C 91 11.54 8.13 -23.88
C ALA C 91 12.76 8.29 -24.78
N THR C 92 12.59 9.02 -25.89
CA THR C 92 13.68 9.28 -26.82
C THR C 92 13.68 10.76 -27.16
N GLY C 93 14.87 11.35 -27.14
CA GLY C 93 15.01 12.76 -27.44
C GLY C 93 14.57 13.13 -28.84
N PHE C 94 15.09 12.43 -29.84
CA PHE C 94 14.59 12.54 -31.20
C PHE C 94 15.25 11.48 -32.06
N VAL C 95 14.50 10.92 -32.99
CA VAL C 95 14.96 9.85 -33.86
C VAL C 95 15.11 10.41 -35.28
N LYS C 96 16.34 10.58 -35.72
CA LYS C 96 16.64 11.06 -37.06
C LYS C 96 17.15 9.88 -37.89
N LYS C 97 16.58 9.69 -39.07
CA LYS C 97 17.05 8.68 -40.01
C LYS C 97 17.13 9.34 -41.38
N ASP C 98 18.32 9.79 -41.76
CA ASP C 98 18.55 10.46 -43.02
C ASP C 98 18.82 9.44 -44.12
N GLN C 99 19.07 9.96 -45.32
CA GLN C 99 19.43 9.12 -46.46
C GLN C 99 20.13 9.95 -47.53
N VAL D 37 4.25 36.83 10.16
CA VAL D 37 4.08 35.40 10.34
C VAL D 37 4.40 35.07 11.79
N LEU D 38 3.38 34.71 12.58
CA LEU D 38 3.59 34.64 14.02
C LEU D 38 3.36 33.24 14.56
N TYR D 39 2.25 32.61 14.23
CA TYR D 39 1.97 31.20 14.56
C TYR D 39 1.97 30.96 16.08
N VAL D 40 0.99 31.53 16.78
CA VAL D 40 0.72 31.03 18.12
C VAL D 40 0.24 29.59 18.00
N GLY D 41 0.18 28.90 19.15
CA GLY D 41 0.16 27.44 19.15
C GLY D 41 -0.86 26.80 18.23
N SER D 42 -0.34 26.24 17.14
CA SER D 42 -1.17 25.80 16.03
C SER D 42 -0.46 24.70 15.25
N LYS D 43 -0.99 24.35 14.08
CA LYS D 43 -0.40 23.30 13.26
C LYS D 43 -0.18 22.02 14.05
N THR D 44 -1.06 21.76 15.00
CA THR D 44 -0.96 20.57 15.83
C THR D 44 -1.70 19.41 15.19
N LYS D 45 -1.33 18.20 15.61
CA LYS D 45 -1.97 16.97 15.14
C LYS D 45 -2.06 16.03 16.33
N GLU D 46 -3.27 15.55 16.63
CA GLU D 46 -3.48 14.64 17.74
C GLU D 46 -4.39 13.52 17.30
N GLY D 47 -3.91 12.29 17.40
CA GLY D 47 -4.68 11.16 16.92
C GLY D 47 -4.91 11.25 15.42
N VAL D 48 -3.83 11.13 14.65
CA VAL D 48 -3.88 11.36 13.21
C VAL D 48 -3.19 10.19 12.51
N VAL D 49 -3.76 9.75 11.40
CA VAL D 49 -3.18 8.72 10.56
C VAL D 49 -3.28 9.17 9.12
N HIS D 50 -2.17 9.11 8.38
CA HIS D 50 -2.25 9.41 6.96
C HIS D 50 -1.13 8.70 6.22
N GLY D 51 -1.30 8.57 4.91
CA GLY D 51 -0.33 7.91 4.07
C GLY D 51 -0.15 6.45 4.39
N VAL D 52 -1.22 5.66 4.29
CA VAL D 52 -1.19 4.25 4.61
C VAL D 52 -1.59 3.45 3.37
N ALA D 53 -0.83 2.41 3.05
CA ALA D 53 -1.13 1.53 1.95
C ALA D 53 -1.05 0.09 2.44
N THR D 54 -1.97 -0.75 2.00
CA THR D 54 -2.10 -2.07 2.59
C THR D 54 -2.70 -3.03 1.58
N VAL D 55 -2.12 -4.22 1.48
CA VAL D 55 -2.64 -5.30 0.66
C VAL D 55 -2.82 -6.52 1.56
N ALA D 56 -3.90 -7.26 1.37
CA ALA D 56 -4.15 -8.43 2.20
C ALA D 56 -4.77 -9.52 1.31
N GLU D 57 -3.93 -10.37 0.75
CA GLU D 57 -4.38 -11.53 -0.01
C GLU D 57 -4.51 -12.71 0.95
N LYS D 58 -5.71 -13.24 1.10
CA LYS D 58 -5.95 -14.36 1.99
C LYS D 58 -6.91 -15.33 1.33
N THR D 59 -6.52 -16.60 1.21
CA THR D 59 -7.36 -17.56 0.52
C THR D 59 -8.57 -17.94 1.36
N LYS D 60 -8.35 -18.55 2.52
CA LYS D 60 -9.44 -18.93 3.40
C LYS D 60 -9.27 -18.24 4.74
N GLU D 61 -10.39 -17.88 5.35
CA GLU D 61 -10.37 -17.15 6.60
C GLU D 61 -11.62 -17.51 7.39
N GLN D 62 -11.44 -18.10 8.56
CA GLN D 62 -12.56 -18.53 9.39
C GLN D 62 -12.43 -17.93 10.78
N VAL D 63 -13.58 -17.63 11.38
CA VAL D 63 -13.65 -17.17 12.75
C VAL D 63 -14.81 -17.90 13.40
N THR D 64 -14.54 -18.64 14.46
CA THR D 64 -15.55 -19.40 15.19
C THR D 64 -15.56 -18.93 16.63
N ASN D 65 -16.73 -18.54 17.11
CA ASN D 65 -16.87 -17.94 18.43
C ASN D 65 -18.02 -18.60 19.17
N VAL D 66 -17.76 -19.04 20.39
CA VAL D 66 -18.78 -19.57 21.28
C VAL D 66 -18.66 -18.79 22.59
N GLY D 67 -19.41 -17.71 22.70
CA GLY D 67 -19.25 -16.81 23.83
C GLY D 67 -17.94 -16.05 23.76
N GLY D 68 -17.85 -14.92 24.44
CA GLY D 68 -16.61 -14.18 24.41
C GLY D 68 -16.58 -13.12 23.33
N ALA D 69 -15.40 -12.83 22.80
CA ALA D 69 -15.27 -11.74 21.87
C ALA D 69 -14.11 -12.01 20.93
N VAL D 70 -14.26 -11.55 19.68
CA VAL D 70 -13.20 -11.64 18.68
C VAL D 70 -13.17 -10.32 17.92
N VAL D 71 -12.00 -9.74 17.77
CA VAL D 71 -11.80 -8.52 16.99
C VAL D 71 -10.63 -8.76 16.05
N THR D 72 -10.90 -8.76 14.74
CA THR D 72 -9.86 -9.04 13.77
C THR D 72 -9.90 -8.00 12.66
N GLY D 73 -8.76 -7.38 12.38
CA GLY D 73 -8.63 -6.57 11.20
C GLY D 73 -9.00 -5.10 11.36
N VAL D 74 -8.39 -4.43 12.31
CA VAL D 74 -8.57 -2.99 12.51
C VAL D 74 -7.37 -2.29 11.91
N THR D 75 -7.61 -1.38 10.98
CA THR D 75 -6.51 -0.70 10.29
C THR D 75 -6.88 0.73 9.98
N ALA D 76 -5.91 1.64 10.13
CA ALA D 76 -6.10 3.05 9.84
C ALA D 76 -7.26 3.63 10.65
N VAL D 77 -7.09 3.65 11.96
CA VAL D 77 -8.10 4.15 12.89
C VAL D 77 -7.46 5.21 13.76
N ALA D 78 -8.11 6.36 13.87
CA ALA D 78 -7.63 7.46 14.69
C ALA D 78 -8.75 7.96 15.58
N GLN D 79 -8.42 8.33 16.81
CA GLN D 79 -9.43 8.73 17.77
C GLN D 79 -8.81 9.67 18.79
N LYS D 80 -9.58 10.64 19.25
CA LYS D 80 -9.17 11.51 20.34
C LYS D 80 -10.32 11.65 21.34
N THR D 81 -10.05 11.30 22.59
CA THR D 81 -11.04 11.38 23.65
C THR D 81 -10.61 12.40 24.68
N VAL D 82 -11.58 13.15 25.20
CA VAL D 82 -11.34 14.12 26.26
C VAL D 82 -12.25 13.76 27.44
N GLU D 83 -11.65 13.64 28.62
CA GLU D 83 -12.39 13.32 29.84
C GLU D 83 -13.20 12.04 29.69
N GLY D 84 -12.57 11.01 29.13
CA GLY D 84 -13.24 9.73 28.99
C GLY D 84 -12.23 8.65 28.65
N ALA D 85 -12.66 7.41 28.75
CA ALA D 85 -11.80 6.26 28.51
C ALA D 85 -11.82 5.90 27.03
N GLY D 86 -10.63 5.74 26.45
CA GLY D 86 -10.50 5.40 25.05
C GLY D 86 -10.10 3.94 24.88
N SER D 87 -10.66 3.31 23.85
CA SER D 87 -10.39 1.92 23.52
C SER D 87 -10.54 1.76 22.02
N ILE D 88 -9.57 1.11 21.38
CA ILE D 88 -9.64 0.98 19.93
C ILE D 88 -10.12 -0.41 19.56
N ALA D 89 -9.37 -1.44 19.95
CA ALA D 89 -9.74 -2.83 19.69
C ALA D 89 -9.70 -3.57 21.01
N ALA D 90 -10.80 -3.54 21.75
CA ALA D 90 -10.88 -4.14 23.07
C ALA D 90 -11.87 -5.29 23.04
N ALA D 91 -11.46 -6.44 23.54
CA ALA D 91 -12.32 -7.62 23.60
C ALA D 91 -12.37 -8.13 25.02
N THR D 92 -13.57 -8.42 25.50
CA THR D 92 -13.77 -8.96 26.84
C THR D 92 -14.72 -10.13 26.77
N GLY D 93 -14.36 -11.21 27.46
CA GLY D 93 -15.17 -12.41 27.46
C GLY D 93 -16.56 -12.19 28.02
N PHE D 94 -16.65 -11.63 29.21
CA PHE D 94 -17.92 -11.18 29.77
C PHE D 94 -17.65 -10.40 31.04
N VAL D 95 -18.43 -9.36 31.27
CA VAL D 95 -18.28 -8.47 32.42
C VAL D 95 -19.46 -8.70 33.36
N LYS D 96 -19.19 -9.34 34.49
CA LYS D 96 -20.21 -9.58 35.52
C LYS D 96 -19.94 -8.64 36.68
N LYS D 97 -20.97 -7.94 37.12
CA LYS D 97 -20.91 -7.10 38.31
C LYS D 97 -22.13 -7.38 39.16
N ASP D 98 -21.98 -8.26 40.16
CA ASP D 98 -23.07 -8.66 41.02
C ASP D 98 -23.19 -7.68 42.18
N GLN D 99 -24.14 -7.96 43.07
CA GLN D 99 -24.34 -7.16 44.27
C GLN D 99 -25.12 -7.95 45.32
N VAL E 37 8.72 35.60 11.67
CA VAL E 37 8.55 34.17 11.86
C VAL E 37 8.87 33.84 13.31
N LEU E 38 7.85 33.50 14.10
CA LEU E 38 8.06 33.44 15.55
C LEU E 38 7.83 32.05 16.11
N TYR E 39 6.71 31.42 15.78
CA TYR E 39 6.43 30.02 16.14
C TYR E 39 6.43 29.79 17.65
N VAL E 40 5.46 30.38 18.35
CA VAL E 40 5.18 29.89 19.70
C VAL E 40 4.70 28.45 19.60
N GLY E 41 4.64 27.78 20.75
CA GLY E 41 4.61 26.32 20.77
C GLY E 41 3.59 25.68 19.86
N SER E 42 4.09 25.10 18.77
CA SER E 42 3.26 24.65 17.67
C SER E 42 3.96 23.53 16.91
N LYS E 43 3.43 23.18 15.75
CA LYS E 43 4.00 22.12 14.92
C LYS E 43 4.22 20.85 15.73
N THR E 44 3.34 20.60 16.69
CA THR E 44 3.45 19.43 17.52
C THR E 44 2.69 18.25 16.90
N LYS E 45 3.04 17.05 17.33
CA LYS E 45 2.40 15.82 16.88
C LYS E 45 2.31 14.89 18.08
N GLU E 46 1.11 14.43 18.39
CA GLU E 46 0.90 13.53 19.52
C GLU E 46 -0.03 12.41 19.09
N GLY E 47 0.45 11.17 19.19
CA GLY E 47 -0.33 10.04 18.73
C GLY E 47 -0.56 10.11 17.24
N VAL E 48 0.50 9.99 16.46
CA VAL E 48 0.45 10.20 15.02
C VAL E 48 1.13 9.03 14.33
N VAL E 49 0.56 8.57 13.22
CA VAL E 49 1.13 7.53 12.39
C VAL E 49 1.03 7.96 10.94
N HIS E 50 2.13 7.89 10.20
CA HIS E 50 2.05 8.17 8.78
C HIS E 50 3.16 7.45 8.03
N GLY E 51 2.98 7.31 6.73
CA GLY E 51 3.95 6.63 5.90
C GLY E 51 4.12 5.17 6.24
N VAL E 52 3.06 4.39 6.14
CA VAL E 52 3.07 2.97 6.47
C VAL E 52 2.66 2.18 5.25
N ALA E 53 3.41 1.13 4.95
CA ALA E 53 3.10 0.23 3.84
C ALA E 53 3.18 -1.19 4.35
N THR E 54 2.24 -2.03 3.93
CA THR E 54 2.11 -3.35 4.53
C THR E 54 1.51 -4.32 3.53
N VAL E 55 2.09 -5.51 3.45
CA VAL E 55 1.54 -6.60 2.64
C VAL E 55 1.37 -7.81 3.56
N ALA E 56 0.28 -8.54 3.37
CA ALA E 56 0.03 -9.71 4.21
C ALA E 56 -0.60 -10.79 3.35
N GLU E 57 0.23 -11.67 2.79
CA GLU E 57 -0.23 -12.82 2.04
C GLU E 57 -0.36 -14.00 3.02
N LYS E 58 -1.57 -14.51 3.17
CA LYS E 58 -1.81 -15.63 4.09
C LYS E 58 -2.78 -16.60 3.44
N THR E 59 -2.39 -17.86 3.33
CA THR E 59 -3.25 -18.83 2.65
C THR E 59 -4.45 -19.19 3.50
N LYS E 60 -4.23 -19.79 4.66
CA LYS E 60 -5.33 -20.17 5.55
C LYS E 60 -5.14 -19.46 6.88
N GLU E 61 -6.26 -19.09 7.49
CA GLU E 61 -6.23 -18.35 8.74
C GLU E 61 -7.48 -18.68 9.53
N GLN E 62 -7.30 -19.26 10.72
CA GLN E 62 -8.41 -19.68 11.55
C GLN E 62 -8.28 -19.07 12.92
N VAL E 63 -9.42 -18.75 13.53
CA VAL E 63 -9.48 -18.28 14.91
C VAL E 63 -10.65 -18.98 15.57
N THR E 64 -10.37 -19.72 16.63
CA THR E 64 -11.38 -20.47 17.37
C THR E 64 -11.38 -19.98 18.80
N ASN E 65 -12.55 -19.58 19.29
CA ASN E 65 -12.68 -18.97 20.59
C ASN E 65 -13.83 -19.61 21.34
N VAL E 66 -13.57 -20.03 22.58
CA VAL E 66 -14.60 -20.55 23.47
C VAL E 66 -14.46 -19.76 24.76
N GLY E 67 -15.20 -18.67 24.88
CA GLY E 67 -15.03 -17.77 26.00
C GLY E 67 -13.72 -17.01 25.92
N GLY E 68 -13.62 -15.88 26.59
CA GLY E 68 -12.38 -15.14 26.55
C GLY E 68 -12.34 -14.10 25.46
N ALA E 69 -11.17 -13.82 24.92
CA ALA E 69 -11.03 -12.74 23.96
C ALA E 69 -9.88 -13.02 23.02
N VAL E 70 -10.03 -12.58 21.77
CA VAL E 70 -8.97 -12.68 20.78
C VAL E 70 -8.94 -11.38 20.00
N VAL E 71 -7.76 -10.80 19.83
CA VAL E 71 -7.56 -9.60 19.04
C VAL E 71 -6.40 -9.85 18.10
N THR E 72 -6.67 -9.86 16.79
CA THR E 72 -5.64 -10.16 15.82
C THR E 72 -5.67 -9.13 14.70
N GLY E 73 -4.54 -8.52 14.41
CA GLY E 73 -4.40 -7.72 13.22
C GLY E 73 -4.77 -6.26 13.36
N VAL E 74 -4.15 -5.57 14.31
CA VAL E 74 -4.32 -4.13 14.49
C VAL E 74 -3.11 -3.45 13.88
N THR E 75 -3.35 -2.54 12.94
CA THR E 75 -2.26 -1.88 12.24
C THR E 75 -2.62 -0.45 11.91
N ALA E 76 -1.65 0.46 12.06
CA ALA E 76 -1.82 1.87 11.75
C ALA E 76 -2.98 2.46 12.54
N VAL E 77 -2.81 2.49 13.86
CA VAL E 77 -3.82 3.00 14.78
C VAL E 77 -3.16 4.08 15.65
N ALA E 78 -3.80 5.23 15.75
CA ALA E 78 -3.31 6.34 16.55
C ALA E 78 -4.42 6.85 17.44
N GLN E 79 -4.08 7.22 18.67
CA GLN E 79 -5.09 7.65 19.62
C GLN E 79 -4.46 8.60 20.63
N LYS E 80 -5.24 9.58 21.08
CA LYS E 80 -4.81 10.46 22.16
C LYS E 80 -5.94 10.62 23.17
N THR E 81 -5.68 10.28 24.42
CA THR E 81 -6.66 10.37 25.49
C THR E 81 -6.23 11.41 26.50
N VAL E 82 -7.18 12.16 27.01
CA VAL E 82 -6.94 13.13 28.07
C VAL E 82 -7.84 12.80 29.25
N GLU E 83 -7.24 12.69 30.43
CA GLU E 83 -7.98 12.39 31.66
C GLU E 83 -8.79 11.12 31.52
N GLY E 84 -8.18 10.07 30.98
CA GLY E 84 -8.85 8.79 30.85
C GLY E 84 -7.84 7.71 30.52
N ALA E 85 -8.28 6.46 30.63
CA ALA E 85 -7.43 5.31 30.40
C ALA E 85 -7.47 4.94 28.92
N GLY E 86 -6.29 4.76 28.34
CA GLY E 86 -6.14 4.41 26.94
C GLY E 86 -5.77 2.94 26.79
N SER E 87 -6.33 2.31 25.77
CA SER E 87 -6.07 0.90 25.46
C SER E 87 -6.23 0.72 23.96
N ILE E 88 -5.26 0.07 23.32
CA ILE E 88 -5.33 -0.08 21.87
C ILE E 88 -5.82 -1.47 21.52
N ALA E 89 -5.08 -2.49 21.92
CA ALA E 89 -5.47 -3.88 21.67
C ALA E 89 -5.42 -4.62 23.01
N ALA E 90 -6.52 -4.58 23.74
CA ALA E 90 -6.59 -5.15 25.07
C ALA E 90 -7.60 -6.30 25.05
N ALA E 91 -7.19 -7.44 25.56
CA ALA E 91 -8.04 -8.62 25.64
C ALA E 91 -8.10 -9.12 27.07
N THR E 92 -9.31 -9.39 27.56
CA THR E 92 -9.50 -9.91 28.90
C THR E 92 -10.45 -11.09 28.85
N GLY E 93 -10.10 -12.15 29.55
CA GLY E 93 -10.92 -13.35 29.57
C GLY E 93 -12.30 -13.13 30.12
N PHE E 94 -12.38 -12.54 31.32
CA PHE E 94 -13.64 -12.08 31.88
C PHE E 94 -13.37 -11.29 33.14
N VAL E 95 -14.15 -10.24 33.35
CA VAL E 95 -13.98 -9.34 34.49
C VAL E 95 -15.15 -9.55 35.44
N LYS E 96 -14.89 -10.18 36.58
CA LYS E 96 -15.90 -10.41 37.61
C LYS E 96 -15.63 -9.46 38.77
N LYS E 97 -16.65 -8.75 39.20
CA LYS E 97 -16.57 -7.89 40.38
C LYS E 97 -17.80 -8.16 41.24
N ASP E 98 -17.65 -9.02 42.23
CA ASP E 98 -18.73 -9.41 43.12
C ASP E 98 -18.85 -8.41 44.27
N GLN E 99 -19.80 -8.68 45.17
CA GLN E 99 -19.99 -7.87 46.36
C GLN E 99 -20.76 -8.65 47.41
N VAL F 37 -0.14 38.06 8.64
CA VAL F 37 -0.29 36.62 8.80
C VAL F 37 0.02 36.27 10.25
N LEU F 38 -1.01 35.91 11.02
CA LEU F 38 -0.80 35.82 12.46
C LEU F 38 -1.02 34.40 13.00
N TYR F 39 -2.14 33.78 12.65
CA TYR F 39 -2.41 32.37 12.97
C TYR F 39 -2.41 32.11 14.48
N VAL F 40 -3.39 32.66 15.18
CA VAL F 40 -3.67 32.16 16.52
C VAL F 40 -4.14 30.71 16.39
N GLY F 41 -4.21 30.01 17.52
CA GLY F 41 -4.23 28.56 17.51
C GLY F 41 -5.23 27.92 16.58
N SER F 42 -4.72 27.37 15.48
CA SER F 42 -5.53 26.94 14.37
C SER F 42 -4.82 25.84 13.59
N LYS F 43 -5.34 25.51 12.41
CA LYS F 43 -4.75 24.47 11.57
C LYS F 43 -4.53 23.18 12.35
N THR F 44 -5.41 22.91 13.30
CA THR F 44 -5.30 21.71 14.11
C THR F 44 -6.04 20.55 13.45
N LYS F 45 -5.67 19.34 13.87
CA LYS F 45 -6.30 18.12 13.38
C LYS F 45 -6.39 17.16 14.56
N GLU F 46 -7.59 16.67 14.85
CA GLU F 46 -7.81 15.76 15.96
C GLU F 46 -8.71 14.64 15.50
N GLY F 47 -8.23 13.40 15.58
CA GLY F 47 -8.99 12.28 15.09
C GLY F 47 -9.20 12.37 13.59
N VAL F 48 -8.14 12.28 12.82
CA VAL F 48 -8.18 12.52 11.38
C VAL F 48 -7.48 11.37 10.67
N VAL F 49 -8.06 10.94 9.55
CA VAL F 49 -7.45 9.91 8.71
C VAL F 49 -7.55 10.38 7.26
N HIS F 50 -6.44 10.33 6.53
CA HIS F 50 -6.52 10.65 5.11
C HIS F 50 -5.40 9.95 4.37
N GLY F 51 -5.57 9.84 3.05
CA GLY F 51 -4.59 9.19 2.21
C GLY F 51 -4.40 7.72 2.52
N VAL F 52 -5.46 6.93 2.41
CA VAL F 52 -5.44 5.51 2.70
C VAL F 52 -5.83 4.74 1.46
N ALA F 53 -5.07 3.70 1.13
CA ALA F 53 -5.36 2.82 0.02
C ALA F 53 -5.27 1.39 0.50
N THR F 54 -6.19 0.55 0.05
CA THR F 54 -6.32 -0.79 0.62
C THR F 54 -6.91 -1.74 -0.41
N VAL F 55 -6.32 -2.92 -0.52
CA VAL F 55 -6.84 -4.00 -1.34
C VAL F 55 -7.01 -5.23 -0.46
N ALA F 56 -8.09 -5.97 -0.67
CA ALA F 56 -8.35 -7.15 0.15
C ALA F 56 -8.95 -8.23 -0.75
N GLU F 57 -8.10 -9.08 -1.32
CA GLU F 57 -8.55 -10.23 -2.09
C GLU F 57 -8.66 -11.42 -1.15
N LYS F 58 -9.88 -11.95 -1.01
CA LYS F 58 -10.11 -13.09 -0.12
C LYS F 58 -11.07 -14.04 -0.80
N THR F 59 -10.67 -15.31 -0.93
CA THR F 59 -11.50 -16.27 -1.63
C THR F 59 -12.71 -16.67 -0.80
N LYS F 60 -12.50 -17.28 0.35
CA LYS F 60 -13.59 -17.69 1.21
C LYS F 60 -13.43 -17.01 2.57
N GLU F 61 -14.55 -16.66 3.17
CA GLU F 61 -14.54 -15.94 4.44
C GLU F 61 -15.79 -16.31 5.22
N GLN F 62 -15.61 -16.92 6.39
CA GLN F 62 -16.73 -17.37 7.20
C GLN F 62 -16.61 -16.78 8.60
N VAL F 63 -17.75 -16.48 9.20
CA VAL F 63 -17.84 -16.04 10.59
C VAL F 63 -19.00 -16.78 11.22
N THR F 64 -18.71 -17.54 12.27
CA THR F 64 -19.73 -18.30 12.98
C THR F 64 -19.75 -17.85 14.43
N ASN F 65 -20.93 -17.47 14.91
CA ASN F 65 -21.06 -16.89 16.24
C ASN F 65 -22.22 -17.56 16.96
N VAL F 66 -21.96 -18.00 18.19
CA VAL F 66 -22.99 -18.56 19.06
C VAL F 66 -22.87 -17.79 20.37
N GLY F 67 -23.62 -16.71 20.50
CA GLY F 67 -23.47 -15.83 21.65
C GLY F 67 -22.16 -15.06 21.59
N GLY F 68 -22.08 -13.94 22.28
CA GLY F 68 -20.85 -13.19 22.27
C GLY F 68 -20.81 -12.12 21.20
N ALA F 69 -19.63 -11.82 20.67
CA ALA F 69 -19.50 -10.71 19.74
C ALA F 69 -18.34 -10.97 18.80
N VAL F 70 -18.49 -10.50 17.57
CA VAL F 70 -17.43 -10.57 16.57
C VAL F 70 -17.40 -9.25 15.83
N VAL F 71 -16.22 -8.67 15.68
CA VAL F 71 -16.03 -7.43 14.92
C VAL F 71 -14.86 -7.65 13.98
N THR F 72 -15.13 -7.64 12.67
CA THR F 72 -14.08 -7.91 11.70
C THR F 72 -14.12 -6.86 10.61
N GLY F 73 -12.98 -6.23 10.34
CA GLY F 73 -12.86 -5.40 9.17
C GLY F 73 -13.23 -3.94 9.32
N VAL F 74 -12.63 -3.27 10.30
CA VAL F 74 -12.82 -1.84 10.51
C VAL F 74 -11.61 -1.13 9.92
N THR F 75 -11.85 -0.20 9.00
CA THR F 75 -10.75 0.48 8.33
C THR F 75 -11.13 1.92 8.03
N ALA F 76 -10.17 2.82 8.19
CA ALA F 76 -10.36 4.24 7.92
C ALA F 76 -11.52 4.81 8.72
N VAL F 77 -11.36 4.81 10.04
CA VAL F 77 -12.37 5.29 10.96
C VAL F 77 -11.74 6.35 11.85
N ALA F 78 -12.40 7.49 11.97
CA ALA F 78 -11.91 8.58 12.81
C ALA F 78 -13.04 9.08 13.69
N GLN F 79 -12.71 9.43 14.94
CA GLN F 79 -13.73 9.82 15.89
C GLN F 79 -13.12 10.75 16.92
N LYS F 80 -13.90 11.72 17.39
CA LYS F 80 -13.50 12.57 18.49
C LYS F 80 -14.64 12.70 19.48
N THR F 81 -14.38 12.33 20.74
CA THR F 81 -15.37 12.39 21.80
C THR F 81 -14.94 13.41 22.84
N VAL F 82 -15.92 14.15 23.36
CA VAL F 82 -15.68 15.10 24.44
C VAL F 82 -16.60 14.73 25.60
N GLU F 83 -16.01 14.60 26.78
CA GLU F 83 -16.75 14.27 28.00
C GLU F 83 -17.55 12.99 27.84
N GLY F 84 -16.92 11.96 27.27
CA GLY F 84 -17.57 10.68 27.11
C GLY F 84 -16.56 9.62 26.76
N ALA F 85 -16.99 8.36 26.85
CA ALA F 85 -16.13 7.22 26.60
C ALA F 85 -16.14 6.88 25.12
N GLY F 86 -14.96 6.73 24.54
CA GLY F 86 -14.81 6.40 23.13
C GLY F 86 -14.41 4.94 22.94
N SER F 87 -14.97 4.33 21.91
CA SER F 87 -14.68 2.94 21.57
C SER F 87 -14.83 2.80 20.07
N ILE F 88 -13.86 2.16 19.42
CA ILE F 88 -13.92 2.05 17.98
C ILE F 88 -14.39 0.65 17.59
N ALA F 89 -13.64 -0.37 17.96
CA ALA F 89 -14.01 -1.77 17.69
C ALA F 89 -13.96 -2.51 19.00
N ALA F 90 -15.07 -2.51 19.73
CA ALA F 90 -15.15 -3.11 21.05
C ALA F 90 -16.14 -4.26 21.00
N ALA F 91 -15.72 -5.42 21.49
CA ALA F 91 -16.57 -6.61 21.53
C ALA F 91 -16.62 -7.14 22.95
N THR F 92 -17.84 -7.43 23.42
CA THR F 92 -18.03 -7.99 24.75
C THR F 92 -18.97 -9.17 24.68
N GLY F 93 -18.61 -10.25 25.34
CA GLY F 93 -19.42 -11.45 25.34
C GLY F 93 -20.81 -11.25 25.89
N PHE F 94 -20.91 -10.69 27.09
CA PHE F 94 -22.17 -10.26 27.65
C PHE F 94 -21.92 -9.49 28.94
N VAL F 95 -22.71 -8.45 29.17
CA VAL F 95 -22.56 -7.58 30.32
C VAL F 95 -23.73 -7.82 31.26
N LYS F 96 -23.48 -8.47 32.38
CA LYS F 96 -24.48 -8.73 33.40
C LYS F 96 -24.23 -7.81 34.58
N LYS F 97 -25.27 -7.11 35.03
CA LYS F 97 -25.21 -6.28 36.23
C LYS F 97 -26.43 -6.57 37.07
N ASP F 98 -26.28 -7.46 38.05
CA ASP F 98 -27.38 -7.88 38.92
C ASP F 98 -27.51 -6.91 40.09
N GLN F 99 -28.46 -7.20 40.97
CA GLN F 99 -28.67 -6.42 42.17
C GLN F 99 -29.44 -7.23 43.21
O04 7TT G . 17.16 27.08 -3.73
P05 7TT G . 15.78 26.67 -3.27
O06 7TT G . 15.72 26.72 -1.75
O07 7TT G . 14.65 27.68 -3.91
P08 7TT G . 13.03 27.45 -3.74
O09 7TT G . 12.73 25.97 -3.92
O10 7TT G . 12.17 28.31 -4.85
P11 7TT G . 10.55 28.08 -5.07
O12 7TT G . 10.35 26.73 -5.72
O13 7TT G . 9.90 29.24 -6.03
P14 7TT G . 8.28 29.53 -6.14
O15 7TT G . 7.70 29.66 -4.77
O16 7TT G . 7.61 28.38 -6.86
O21 7TT G . 8.04 30.80 -6.93
O22 7TT G . 9.86 28.09 -3.73
O23 7TT G . 12.59 27.87 -2.35
O24 7TT G . 15.49 25.26 -3.73
O04 7TT H . 22.47 -5.12 -35.51
P05 7TT H . 22.09 -3.67 -35.65
O06 7TT H . 23.26 -2.91 -36.21
O07 7TT H . 20.79 -3.51 -36.64
P08 7TT H . 20.02 -2.08 -36.90
O09 7TT H . 19.89 -1.35 -35.58
O10 7TT H . 18.52 -2.32 -37.54
P11 7TT H . 17.43 -1.08 -37.67
O12 7TT H . 18.11 0.10 -38.31
O13 7TT H . 16.12 -1.52 -38.57
P14 7TT H . 15.06 -0.44 -39.21
O15 7TT H . 15.81 0.64 -39.94
O16 7TT H . 14.25 0.19 -38.10
O21 7TT H . 14.12 -1.14 -40.15
O22 7TT H . 16.97 -0.70 -36.29
O23 7TT H . 20.83 -1.24 -37.86
O24 7TT H . 21.75 -3.12 -34.29
O04 7TT I . 2.52 -20.66 -3.60
P05 7TT I . 1.93 -21.21 -4.88
O06 7TT I . 1.91 -22.71 -4.82
O07 7TT I . 0.39 -20.63 -5.09
P08 7TT I . -0.49 -20.91 -6.44
O09 7TT I . 0.40 -20.75 -7.66
O10 7TT I . -1.75 -19.84 -6.56
P11 7TT I . -2.65 -19.72 -7.94
O12 7TT I . -3.07 -21.11 -8.36
O13 7TT I . -3.99 -18.80 -7.70
P14 7TT I . -5.28 -18.78 -8.73
O15 7TT I . -5.72 -20.20 -9.01
O16 7TT I . -4.90 -18.12 -10.03
O21 7TT I . -6.41 -18.01 -8.11
O22 7TT I . -1.81 -19.10 -9.03
O23 7TT I . -1.04 -22.30 -6.42
O24 7TT I . 2.78 -20.77 -6.05
O04 7TT J . -8.49 -29.73 7.50
P05 7TT J . -8.69 -28.81 6.33
O06 7TT J . -7.70 -29.15 5.25
O07 7TT J . -10.23 -28.99 5.73
P08 7TT J . -10.85 -28.05 4.55
O09 7TT J . -10.45 -26.61 4.80
O10 7TT J . -12.50 -28.13 4.52
P11 7TT J . -13.40 -27.12 3.59
O12 7TT J . -13.33 -25.73 4.18
O13 7TT J . -14.98 -27.58 3.53
P14 7TT J . -16.06 -27.02 2.41
O15 7TT J . -15.47 -27.15 1.03
O16 7TT J . -16.37 -25.57 2.69
O21 7TT J . -17.34 -27.81 2.49
O22 7TT J . -12.84 -27.08 2.20
O23 7TT J . -10.31 -28.49 3.21
O24 7TT J . -8.50 -27.38 6.76
O04 7TT K . -12.62 1.92 40.03
P05 7TT K . -13.60 0.88 39.54
O06 7TT K . -13.74 -0.20 40.58
O07 7TT K . -15.07 1.59 39.27
P08 7TT K . -16.34 0.80 38.58
O09 7TT K . -15.83 -0.04 37.45
O10 7TT K . -17.47 1.86 38.02
P11 7TT K . -18.73 1.35 37.08
O12 7TT K . -19.39 0.17 37.74
O13 7TT K . -19.84 2.54 36.88
P14 7TT K . -21.37 2.27 36.32
O15 7TT K . -22.01 1.15 37.12
O16 7TT K . -21.33 1.89 34.87
O21 7TT K . -22.20 3.52 36.48
O22 7TT K . -18.19 0.95 35.73
O23 7TT K . -16.98 -0.10 39.62
O24 7TT K . -13.10 0.29 38.25
O04 7TT L . 6.55 17.90 7.88
P05 7TT L . 5.60 18.92 8.45
O06 7TT L . 6.36 20.20 8.72
O07 7TT L . 4.37 19.21 7.39
P08 7TT L . 3.07 20.16 7.76
O09 7TT L . 2.63 19.85 9.17
O10 7TT L . 1.83 19.88 6.72
P11 7TT L . 0.33 20.51 7.01
O12 7TT L . 0.45 21.98 7.30
O13 7TT L . -0.66 20.31 5.70
P14 7TT L . -2.08 21.13 5.50
O15 7TT L . -1.83 22.62 5.69
O16 7TT L . -3.10 20.67 6.50
O21 7TT L . -2.61 20.90 4.12
O22 7TT L . -0.29 19.80 8.19
O23 7TT L . 3.47 21.61 7.67
O24 7TT L . 5.03 18.39 9.74
#